data_4GYF
#
_entry.id   4GYF
#
_cell.length_a   85.661
_cell.length_b   86.679
_cell.length_c   45.080
_cell.angle_alpha   90.00
_cell.angle_beta   90.00
_cell.angle_gamma   90.00
#
_symmetry.space_group_name_H-M   'P 21 21 2'
#
loop_
_entity.id
_entity.type
_entity.pdbx_description
1 polymer Histidinol-phosphatase
2 non-polymer 'ZINC ION'
3 non-polymer 'SODIUM ION'
4 non-polymer 'CHLORIDE ION'
5 non-polymer 'PHOSPHATE ION'
6 non-polymer L-histidinol
7 non-polymer DI(HYDROXYETHYL)ETHER
8 water water
#
_entity_poly.entity_id   1
_entity_poly.type   'polypeptide(L)'
_entity_poly.pdbx_seq_one_letter_code
;MSLKKLDYHFHSHFSADSEELPRKHVTEAIAHGLEEICFTEHRDFYFPGMDFSLNLPEYFQEINQLQAEFKDKIKIKIGL
EMGIDLRFKSEINQFIDSAPFDFVIASVHEIGDIEVYDGTEFYLQKTKEEAQREYLLACLDVVQNFENYNSFGHLDYVAR
YGPYTDKSIKFAENREILFEILRALASKEKALEINTRLFDDPKTEQFYSDLLINFKRLGGKFITLGTDSHIAKRDWLSIH
KARTLIKKAGFHELATFSGMKIDKNKKSIKEKLAAALEHHHHHH
;
_entity_poly.pdbx_strand_id   A
#
# COMPACT_ATOMS: atom_id res chain seq x y z
N SER A 2 22.57 2.88 2.07
CA SER A 2 21.52 2.91 3.08
C SER A 2 20.21 3.42 2.48
N LEU A 3 19.09 2.90 2.98
CA LEU A 3 17.78 3.37 2.53
C LEU A 3 17.29 4.46 3.47
N LYS A 4 16.56 5.43 2.94
CA LYS A 4 15.94 6.45 3.78
C LYS A 4 15.04 5.78 4.81
N LYS A 5 15.06 6.28 6.04
CA LYS A 5 14.20 5.75 7.08
C LYS A 5 12.83 6.40 6.95
N LEU A 6 11.83 5.59 6.59
CA LEU A 6 10.50 6.14 6.31
C LEU A 6 9.37 5.16 6.59
N ASP A 7 8.13 5.67 6.57
CA ASP A 7 6.93 4.84 6.52
C ASP A 7 5.97 5.51 5.55
N TYR A 8 5.65 4.82 4.46
CA TYR A 8 4.80 5.39 3.40
C TYR A 8 3.46 4.70 3.28
N HIS A 9 2.97 4.16 4.38
CA HIS A 9 1.61 3.59 4.38
C HIS A 9 1.10 3.47 5.80
N PHE A 10 0.18 4.35 6.19
CA PHE A 10 -0.43 4.21 7.52
C PHE A 10 -1.66 5.09 7.62
N HIS A 11 -2.47 4.84 8.65
CA HIS A 11 -3.81 5.41 8.72
C HIS A 11 -4.07 6.03 10.09
N SER A 12 -4.83 7.11 10.10
CA SER A 12 -5.22 7.79 11.34
C SER A 12 -6.74 7.93 11.38
N HIS A 13 -7.26 8.70 12.33
CA HIS A 13 -8.71 8.80 12.50
C HIS A 13 -9.46 9.32 11.27
N PHE A 14 -8.75 9.95 10.33
CA PHE A 14 -9.38 10.40 9.09
C PHE A 14 -9.88 9.23 8.24
N SER A 15 -9.24 8.07 8.38
CA SER A 15 -9.69 6.84 7.70
C SER A 15 -10.85 6.19 8.44
N ALA A 16 -11.76 5.56 7.70
CA ALA A 16 -12.98 5.03 8.31
C ALA A 16 -12.75 3.87 9.29
N ASP A 17 -11.60 3.18 9.16
CA ASP A 17 -11.29 2.02 10.00
C ASP A 17 -10.11 2.27 10.95
N SER A 18 -9.78 3.53 11.21
CA SER A 18 -8.73 3.87 12.18
C SER A 18 -9.21 4.99 13.09
N GLU A 19 -8.75 4.99 14.33
CA GLU A 19 -9.10 6.07 15.26
C GLU A 19 -7.87 6.69 15.88
N GLU A 20 -6.72 6.54 15.23
CA GLU A 20 -5.47 7.02 15.80
C GLU A 20 -5.27 8.53 15.65
N LEU A 21 -4.58 9.14 16.63
CA LEU A 21 -4.17 10.54 16.53
C LEU A 21 -3.02 10.69 15.55
N PRO A 22 -3.19 11.58 14.55
CA PRO A 22 -2.09 11.90 13.65
C PRO A 22 -0.80 12.29 14.40
N ARG A 23 -0.94 13.07 15.46
CA ARG A 23 0.22 13.49 16.26
C ARG A 23 1.00 12.30 16.83
N LYS A 24 0.28 11.23 17.22
CA LYS A 24 0.95 10.05 17.79
C LYS A 24 1.76 9.29 16.74
N HIS A 25 1.26 9.23 15.50
CA HIS A 25 2.09 8.70 14.41
C HIS A 25 3.38 9.50 14.27
N VAL A 26 3.26 10.82 14.30
CA VAL A 26 4.43 11.69 14.12
C VAL A 26 5.44 11.48 15.25
N THR A 27 4.97 11.47 16.49
CA THR A 27 5.91 11.33 17.61
C THR A 27 6.52 9.93 17.69
N GLU A 28 5.78 8.89 17.31
CA GLU A 28 6.36 7.54 17.24
C GLU A 28 7.44 7.48 16.15
N ALA A 29 7.17 8.13 15.03
CA ALA A 29 8.13 8.16 13.93
C ALA A 29 9.42 8.89 14.34
N ILE A 30 9.26 10.02 15.02
CA ILE A 30 10.40 10.80 15.46
C ILE A 30 11.22 10.03 16.51
N ALA A 31 10.52 9.36 17.42
CA ALA A 31 11.19 8.55 18.44
C ALA A 31 12.04 7.44 17.84
N HIS A 32 11.57 6.85 16.75
CA HIS A 32 12.34 5.81 16.08
C HIS A 32 13.45 6.37 15.20
N GLY A 33 13.32 7.63 14.78
CA GLY A 33 14.33 8.26 13.96
C GLY A 33 14.02 8.26 12.48
N LEU A 34 12.74 8.16 12.14
CA LEU A 34 12.34 8.24 10.74
C LEU A 34 12.58 9.65 10.20
N GLU A 35 12.98 9.73 8.94
CA GLU A 35 13.28 11.00 8.27
C GLU A 35 12.05 11.55 7.52
N GLU A 36 11.15 10.66 7.12
CA GLU A 36 10.01 11.07 6.31
C GLU A 36 8.87 10.09 6.50
N ILE A 37 7.64 10.61 6.55
CA ILE A 37 6.46 9.76 6.63
C ILE A 37 5.40 10.31 5.71
N CYS A 38 4.53 9.44 5.20
CA CYS A 38 3.41 9.88 4.39
C CYS A 38 2.12 9.26 4.90
N PHE A 39 1.22 10.10 5.40
CA PHE A 39 -0.11 9.63 5.75
C PHE A 39 -0.80 9.14 4.46
N THR A 40 -1.50 8.01 4.53
CA THR A 40 -2.16 7.47 3.35
C THR A 40 -3.58 7.02 3.72
N GLU A 41 -4.47 7.98 3.94
CA GLU A 41 -5.81 7.66 4.41
C GLU A 41 -6.66 6.99 3.34
N HIS A 42 -7.65 6.21 3.76
CA HIS A 42 -8.51 5.47 2.84
C HIS A 42 -9.52 6.35 2.12
N ARG A 43 -9.62 6.17 0.80
CA ARG A 43 -10.86 6.49 0.09
C ARG A 43 -11.23 5.26 -0.74
N ASP A 44 -12.44 4.75 -0.58
CA ASP A 44 -12.94 3.68 -1.44
C ASP A 44 -14.35 4.07 -1.83
N PHE A 45 -14.65 4.11 -3.13
CA PHE A 45 -16.00 4.47 -3.58
C PHE A 45 -17.01 3.34 -3.44
N TYR A 46 -18.20 3.66 -2.92
CA TYR A 46 -19.34 2.73 -2.90
C TYR A 46 -18.94 1.40 -2.28
N PHE A 47 -18.18 1.46 -1.19
CA PHE A 47 -17.65 0.25 -0.60
C PHE A 47 -18.75 -0.58 0.04
N PRO A 48 -18.68 -1.91 -0.10
CA PRO A 48 -19.73 -2.73 0.51
C PRO A 48 -19.66 -2.75 2.04
N GLY A 49 -20.80 -2.47 2.67
CA GLY A 49 -20.94 -2.60 4.10
C GLY A 49 -20.40 -1.49 4.99
N MET A 50 -19.66 -0.55 4.40
CA MET A 50 -18.96 0.46 5.19
C MET A 50 -18.50 1.64 4.34
N ASP A 51 -18.66 2.85 4.86
CA ASP A 51 -18.36 4.06 4.09
C ASP A 51 -16.93 4.56 4.29
N PHE A 52 -16.08 4.37 3.28
CA PHE A 52 -14.71 4.85 3.36
C PHE A 52 -14.60 6.21 2.70
N SER A 53 -15.20 7.20 3.34
CA SER A 53 -15.17 8.57 2.88
C SER A 53 -14.00 9.28 3.56
N LEU A 54 -13.61 10.43 3.02
CA LEU A 54 -12.45 11.15 3.53
C LEU A 54 -12.73 12.65 3.48
N ASN A 55 -12.66 13.30 4.64
CA ASN A 55 -12.94 14.73 4.75
C ASN A 55 -11.69 15.49 4.38
N LEU A 56 -11.55 15.86 3.10
CA LEU A 56 -10.31 16.45 2.61
C LEU A 56 -9.90 17.77 3.25
N PRO A 57 -10.85 18.71 3.44
CA PRO A 57 -10.45 19.96 4.09
C PRO A 57 -9.85 19.75 5.49
N GLU A 58 -10.51 18.93 6.31
CA GLU A 58 -10.02 18.63 7.65
C GLU A 58 -8.70 17.86 7.66
N TYR A 59 -8.57 16.92 6.73
CA TYR A 59 -7.37 16.08 6.63
C TYR A 59 -6.18 16.97 6.29
N PHE A 60 -6.32 17.77 5.24
CA PHE A 60 -5.22 18.64 4.85
C PHE A 60 -4.90 19.67 5.93
N GLN A 61 -5.94 20.23 6.56
CA GLN A 61 -5.71 21.22 7.61
C GLN A 61 -4.88 20.65 8.74
N GLU A 62 -5.26 19.48 9.24
CA GLU A 62 -4.54 18.88 10.37
C GLU A 62 -3.10 18.53 10.00
N ILE A 63 -2.90 17.88 8.86
CA ILE A 63 -1.54 17.50 8.51
C ILE A 63 -0.68 18.72 8.20
N ASN A 64 -1.27 19.76 7.60
CA ASN A 64 -0.53 20.99 7.35
C ASN A 64 -0.03 21.63 8.64
N GLN A 65 -0.83 21.59 9.69
CA GLN A 65 -0.43 22.09 11.00
C GLN A 65 0.72 21.28 11.58
N LEU A 66 0.68 19.96 11.39
CA LEU A 66 1.76 19.10 11.87
C LEU A 66 3.04 19.31 11.07
N GLN A 67 2.89 19.55 9.77
CA GLN A 67 4.05 19.83 8.92
C GLN A 67 4.80 21.06 9.45
N ALA A 68 4.04 22.09 9.79
CA ALA A 68 4.65 23.33 10.29
C ALA A 68 5.29 23.11 11.65
N GLU A 69 4.58 22.41 12.54
CA GLU A 69 5.06 22.17 13.89
C GLU A 69 6.35 21.33 13.93
N PHE A 70 6.44 20.34 13.06
CA PHE A 70 7.54 19.38 13.15
C PHE A 70 8.54 19.51 12.00
N LYS A 71 8.46 20.63 11.29
CA LYS A 71 9.26 20.96 10.12
C LYS A 71 10.75 20.62 10.23
N ASP A 72 11.33 20.83 11.41
CA ASP A 72 12.77 20.64 11.56
C ASP A 72 13.13 19.27 12.13
N LYS A 73 12.13 18.46 12.42
CA LYS A 73 12.34 17.16 13.03
C LYS A 73 12.08 16.02 12.05
N ILE A 74 11.06 16.19 11.20
CA ILE A 74 10.67 15.12 10.28
C ILE A 74 9.92 15.70 9.07
N LYS A 75 10.06 15.05 7.92
CA LYS A 75 9.34 15.48 6.72
C LYS A 75 8.02 14.71 6.65
N ILE A 76 6.91 15.44 6.55
CA ILE A 76 5.60 14.81 6.56
C ILE A 76 4.89 15.10 5.25
N LYS A 77 4.45 14.03 4.58
CA LYS A 77 3.73 14.17 3.31
C LYS A 77 2.27 13.77 3.51
N ILE A 78 1.39 14.26 2.63
CA ILE A 78 -0.04 13.96 2.74
C ILE A 78 -0.48 13.13 1.55
N GLY A 79 -0.85 11.88 1.80
CA GLY A 79 -1.12 10.97 0.70
C GLY A 79 -2.46 10.27 0.82
N LEU A 80 -2.65 9.23 0.02
CA LEU A 80 -3.97 8.62 -0.13
C LEU A 80 -3.80 7.16 -0.47
N GLU A 81 -4.59 6.31 0.19
CA GLU A 81 -4.74 4.95 -0.29
C GLU A 81 -6.07 4.83 -0.98
N MET A 82 -6.02 4.73 -2.30
CA MET A 82 -7.21 4.72 -3.11
C MET A 82 -7.60 3.30 -3.51
N GLY A 83 -8.77 2.85 -3.04
CA GLY A 83 -9.27 1.55 -3.47
C GLY A 83 -9.76 1.70 -4.89
N ILE A 84 -9.35 0.79 -5.77
CA ILE A 84 -9.67 0.96 -7.18
C ILE A 84 -10.72 -0.05 -7.64
N ASP A 85 -11.70 0.45 -8.38
CA ASP A 85 -12.64 -0.40 -9.09
C ASP A 85 -12.84 0.29 -10.43
N LEU A 86 -12.62 -0.41 -11.53
CA LEU A 86 -12.62 0.23 -12.83
C LEU A 86 -14.02 0.74 -13.22
N ARG A 87 -15.06 0.18 -12.60
CA ARG A 87 -16.42 0.67 -12.81
C ARG A 87 -16.57 2.13 -12.40
N PHE A 88 -15.73 2.57 -11.46
CA PHE A 88 -15.82 3.91 -10.89
C PHE A 88 -14.62 4.78 -11.30
N LYS A 89 -13.98 4.43 -12.41
CA LYS A 89 -12.71 5.07 -12.77
C LYS A 89 -12.78 6.59 -12.89
N SER A 90 -13.82 7.09 -13.57
CA SER A 90 -13.96 8.53 -13.76
C SER A 90 -14.17 9.26 -12.43
N GLU A 91 -15.00 8.69 -11.56
CA GLU A 91 -15.25 9.29 -10.26
C GLU A 91 -13.98 9.23 -9.40
N ILE A 92 -13.24 8.14 -9.51
CA ILE A 92 -12.01 7.97 -8.75
C ILE A 92 -11.00 9.02 -9.21
N ASN A 93 -10.86 9.17 -10.52
CA ASN A 93 -9.95 10.18 -11.05
C ASN A 93 -10.34 11.60 -10.67
N GLN A 94 -11.63 11.88 -10.62
CA GLN A 94 -12.04 13.21 -10.19
C GLN A 94 -11.62 13.44 -8.76
N PHE A 95 -11.77 12.41 -7.93
CA PHE A 95 -11.39 12.52 -6.53
C PHE A 95 -9.89 12.76 -6.37
N ILE A 96 -9.07 11.98 -7.08
CA ILE A 96 -7.61 12.11 -6.94
C ILE A 96 -7.17 13.49 -7.42
N ASP A 97 -7.79 13.98 -8.48
CA ASP A 97 -7.42 15.26 -9.06
C ASP A 97 -7.94 16.46 -8.27
N SER A 98 -8.76 16.21 -7.24
CA SER A 98 -9.42 17.30 -6.51
C SER A 98 -8.57 17.92 -5.41
N ALA A 99 -7.48 17.26 -5.03
CA ALA A 99 -6.63 17.75 -3.94
C ALA A 99 -5.17 17.45 -4.23
N PRO A 100 -4.26 18.25 -3.66
CA PRO A 100 -2.84 18.06 -3.99
C PRO A 100 -2.18 16.98 -3.15
N PHE A 101 -2.65 15.74 -3.30
CA PHE A 101 -1.99 14.60 -2.66
C PHE A 101 -0.53 14.49 -3.08
N ASP A 102 0.33 14.12 -2.14
CA ASP A 102 1.75 13.96 -2.44
C ASP A 102 2.04 12.59 -3.03
N PHE A 103 1.20 11.61 -2.70
CA PHE A 103 1.49 10.22 -2.98
C PHE A 103 0.19 9.43 -2.97
N VAL A 104 0.00 8.58 -3.98
CA VAL A 104 -1.21 7.78 -4.07
C VAL A 104 -0.89 6.31 -4.23
N ILE A 105 -1.44 5.49 -3.34
CA ILE A 105 -1.33 4.03 -3.45
C ILE A 105 -2.61 3.53 -4.12
N ALA A 106 -2.48 2.67 -5.13
CA ALA A 106 -3.64 1.99 -5.70
C ALA A 106 -3.75 0.61 -5.05
N SER A 107 -4.93 0.31 -4.51
CA SER A 107 -5.15 -0.96 -3.84
C SER A 107 -6.42 -1.63 -4.32
N VAL A 108 -6.47 -2.95 -4.20
CA VAL A 108 -7.71 -3.67 -4.45
C VAL A 108 -8.23 -4.21 -3.12
N HIS A 109 -9.44 -3.76 -2.75
CA HIS A 109 -10.07 -4.15 -1.49
C HIS A 109 -11.39 -4.89 -1.69
N GLU A 110 -12.00 -4.73 -2.87
CA GLU A 110 -13.25 -5.41 -3.19
C GLU A 110 -13.26 -5.75 -4.66
N ILE A 111 -13.93 -6.84 -4.99
CA ILE A 111 -14.04 -7.28 -6.38
C ILE A 111 -15.51 -7.57 -6.63
N GLY A 112 -16.09 -6.85 -7.60
CA GLY A 112 -17.49 -7.01 -7.94
C GLY A 112 -18.42 -6.80 -6.77
N ASP A 113 -18.12 -5.79 -5.96
CA ASP A 113 -18.89 -5.43 -4.75
C ASP A 113 -18.89 -6.49 -3.66
N ILE A 114 -17.92 -7.39 -3.72
CA ILE A 114 -17.69 -8.33 -2.63
C ILE A 114 -16.37 -7.95 -1.97
N GLU A 115 -16.42 -7.62 -0.70
CA GLU A 115 -15.20 -7.25 0.02
C GLU A 115 -14.25 -8.45 0.15
N VAL A 116 -12.96 -8.19 -0.03
CA VAL A 116 -11.96 -9.22 0.21
C VAL A 116 -11.56 -9.06 1.67
N TYR A 117 -12.11 -9.93 2.52
CA TYR A 117 -11.96 -9.78 3.96
C TYR A 117 -12.47 -11.03 4.66
N ASP A 118 -12.16 -11.14 5.95
CA ASP A 118 -12.66 -12.26 6.75
C ASP A 118 -14.18 -12.32 6.73
N GLY A 119 -14.73 -13.50 6.52
CA GLY A 119 -16.16 -13.71 6.67
C GLY A 119 -17.06 -13.27 5.53
N THR A 120 -16.48 -12.89 4.40
CA THR A 120 -17.29 -12.46 3.28
C THR A 120 -17.52 -13.57 2.26
N GLU A 121 -18.41 -13.28 1.31
CA GLU A 121 -18.67 -14.18 0.21
C GLU A 121 -17.42 -14.45 -0.64
N PHE A 122 -16.39 -13.62 -0.50
CA PHE A 122 -15.22 -13.77 -1.38
C PHE A 122 -14.55 -15.12 -1.22
N TYR A 123 -14.54 -15.66 0.00
CA TYR A 123 -13.82 -16.91 0.24
C TYR A 123 -14.77 -18.11 0.36
N LEU A 124 -16.07 -17.83 0.28
CA LEU A 124 -17.08 -18.87 0.47
C LEU A 124 -17.02 -19.90 -0.65
N GLN A 125 -16.83 -21.17 -0.27
CA GLN A 125 -16.75 -22.28 -1.22
C GLN A 125 -15.76 -22.04 -2.35
N LYS A 126 -14.62 -21.44 -2.00
CA LYS A 126 -13.59 -21.11 -2.96
C LYS A 126 -12.26 -21.55 -2.36
N THR A 127 -11.47 -22.29 -3.13
CA THR A 127 -10.17 -22.75 -2.65
C THR A 127 -9.22 -21.57 -2.55
N LYS A 128 -8.16 -21.72 -1.77
CA LYS A 128 -7.21 -20.63 -1.62
C LYS A 128 -6.59 -20.28 -2.97
N GLU A 129 -6.30 -21.30 -3.76
CA GLU A 129 -5.69 -21.09 -5.08
C GLU A 129 -6.62 -20.26 -5.97
N GLU A 130 -7.91 -20.57 -5.92
CA GLU A 130 -8.91 -19.82 -6.67
C GLU A 130 -9.03 -18.37 -6.19
N ALA A 131 -9.01 -18.17 -4.87
CA ALA A 131 -9.14 -16.82 -4.30
C ALA A 131 -7.93 -15.96 -4.68
N GLN A 132 -6.75 -16.56 -4.61
CA GLN A 132 -5.53 -15.84 -4.98
C GLN A 132 -5.54 -15.45 -6.44
N ARG A 133 -5.95 -16.39 -7.29
CA ARG A 133 -5.98 -16.11 -8.73
C ARG A 133 -6.98 -14.99 -9.04
N GLU A 134 -8.17 -15.06 -8.45
CA GLU A 134 -9.17 -14.02 -8.67
C GLU A 134 -8.69 -12.66 -8.16
N TYR A 135 -8.04 -12.66 -7.00
CA TYR A 135 -7.52 -11.42 -6.46
C TYR A 135 -6.44 -10.82 -7.36
N LEU A 136 -5.49 -11.66 -7.79
CA LEU A 136 -4.40 -11.15 -8.63
C LEU A 136 -4.87 -10.75 -10.02
N LEU A 137 -5.88 -11.42 -10.55
CA LEU A 137 -6.45 -11.01 -11.83
C LEU A 137 -7.08 -9.62 -11.72
N ALA A 138 -7.71 -9.33 -10.59
CA ALA A 138 -8.28 -8.01 -10.38
C ALA A 138 -7.18 -6.96 -10.26
N CYS A 139 -6.06 -7.31 -9.62
CA CYS A 139 -4.91 -6.40 -9.53
C CYS A 139 -4.34 -6.12 -10.92
N LEU A 140 -4.19 -7.17 -11.71
CA LEU A 140 -3.66 -7.00 -13.07
C LEU A 140 -4.59 -6.11 -13.90
N ASP A 141 -5.90 -6.31 -13.76
CA ASP A 141 -6.87 -5.50 -14.48
C ASP A 141 -6.69 -4.01 -14.13
N VAL A 142 -6.46 -3.73 -12.85
CA VAL A 142 -6.19 -2.35 -12.43
C VAL A 142 -4.91 -1.79 -13.06
N VAL A 143 -3.83 -2.54 -12.97
CA VAL A 143 -2.53 -2.07 -13.49
C VAL A 143 -2.60 -1.81 -15.00
N GLN A 144 -3.36 -2.64 -15.72
CA GLN A 144 -3.48 -2.49 -17.17
C GLN A 144 -4.36 -1.33 -17.62
N ASN A 145 -5.27 -0.88 -16.74
CA ASN A 145 -6.30 0.06 -17.17
C ASN A 145 -6.41 1.34 -16.33
N PHE A 146 -5.58 1.47 -15.31
CA PHE A 146 -5.62 2.66 -14.46
C PHE A 146 -4.19 3.15 -14.25
N GLU A 147 -4.00 4.48 -14.34
CA GLU A 147 -2.65 5.06 -14.31
C GLU A 147 -2.43 6.11 -13.23
N ASN A 148 -3.50 6.57 -12.57
CA ASN A 148 -3.41 7.77 -11.72
C ASN A 148 -3.01 7.44 -10.29
N TYR A 149 -1.80 6.89 -10.13
CA TYR A 149 -1.30 6.51 -8.82
C TYR A 149 0.20 6.39 -8.90
N ASN A 150 0.83 6.23 -7.74
CA ASN A 150 2.29 6.11 -7.69
C ASN A 150 2.79 4.71 -7.37
N SER A 151 2.11 4.02 -6.46
CA SER A 151 2.60 2.73 -5.98
C SER A 151 1.45 1.75 -5.88
N PHE A 152 1.73 0.49 -6.18
CA PHE A 152 0.69 -0.53 -6.06
C PHE A 152 0.71 -1.23 -4.70
N GLY A 153 -0.41 -1.12 -3.98
CA GLY A 153 -0.46 -1.58 -2.61
C GLY A 153 -0.62 -3.07 -2.38
N HIS A 154 -0.07 -3.53 -1.26
CA HIS A 154 -0.21 -4.91 -0.77
C HIS A 154 -0.66 -6.01 -1.72
N LEU A 155 0.25 -6.51 -2.55
CA LEU A 155 -0.11 -7.62 -3.43
C LEU A 155 -0.49 -8.89 -2.68
N ASP A 156 -0.03 -9.01 -1.43
CA ASP A 156 -0.41 -10.15 -0.59
C ASP A 156 -1.67 -9.91 0.26
N TYR A 157 -2.46 -8.89 -0.08
CA TYR A 157 -3.67 -8.57 0.69
C TYR A 157 -4.57 -9.79 0.89
N VAL A 158 -4.73 -10.58 -0.16
CA VAL A 158 -5.62 -11.73 -0.15
C VAL A 158 -5.18 -12.77 0.90
N ALA A 159 -3.88 -12.75 1.22
CA ALA A 159 -3.31 -13.69 2.20
C ALA A 159 -3.53 -13.28 3.66
N ARG A 160 -4.12 -12.12 3.88
CA ARG A 160 -4.39 -11.68 5.25
C ARG A 160 -5.62 -12.38 5.81
N TYR A 161 -6.51 -12.81 4.93
CA TYR A 161 -7.87 -13.16 5.35
C TYR A 161 -8.32 -14.49 4.80
N GLY A 162 -9.46 -14.97 5.25
CA GLY A 162 -10.01 -16.20 4.72
C GLY A 162 -10.00 -17.32 5.74
N PRO A 163 -10.67 -18.44 5.41
CA PRO A 163 -10.94 -19.56 6.32
C PRO A 163 -9.87 -20.64 6.29
N TYR A 164 -8.83 -20.47 5.47
CA TYR A 164 -7.82 -21.51 5.26
C TYR A 164 -6.91 -21.70 6.47
N THR A 165 -6.48 -22.94 6.70
CA THR A 165 -5.56 -23.22 7.78
C THR A 165 -4.24 -22.48 7.55
N ASP A 166 -3.77 -22.53 6.31
CA ASP A 166 -2.59 -21.76 5.91
C ASP A 166 -3.01 -20.77 4.85
N LYS A 167 -3.01 -19.49 5.20
CA LYS A 167 -3.46 -18.43 4.30
C LYS A 167 -2.35 -17.89 3.42
N SER A 168 -1.14 -18.45 3.55
CA SER A 168 0.03 -17.90 2.86
C SER A 168 -0.11 -17.88 1.34
N ILE A 169 0.57 -16.93 0.70
CA ILE A 169 0.61 -16.90 -0.76
C ILE A 169 2.04 -17.17 -1.21
N LYS A 170 2.17 -18.07 -2.19
CA LYS A 170 3.48 -18.43 -2.70
C LYS A 170 3.64 -17.87 -4.10
N PHE A 171 4.79 -17.30 -4.37
CA PHE A 171 5.07 -16.71 -5.68
C PHE A 171 4.97 -17.77 -6.78
N ALA A 172 5.55 -18.94 -6.53
CA ALA A 172 5.62 -19.99 -7.53
C ALA A 172 4.25 -20.46 -8.00
N GLU A 173 3.26 -20.43 -7.09
CA GLU A 173 1.91 -20.88 -7.42
C GLU A 173 1.14 -19.85 -8.22
N ASN A 174 1.71 -18.66 -8.36
CA ASN A 174 1.04 -17.57 -9.05
C ASN A 174 2.02 -16.88 -9.99
N ARG A 175 3.00 -17.63 -10.45
CA ARG A 175 4.15 -17.09 -11.18
C ARG A 175 3.75 -16.30 -12.42
N GLU A 176 2.87 -16.87 -13.25
CA GLU A 176 2.54 -16.23 -14.52
C GLU A 176 1.84 -14.89 -14.35
N ILE A 177 0.84 -14.83 -13.46
CA ILE A 177 0.11 -13.60 -13.27
C ILE A 177 0.95 -12.56 -12.54
N LEU A 178 1.77 -13.00 -11.60
CA LEU A 178 2.66 -12.08 -10.89
C LEU A 178 3.71 -11.47 -11.84
N PHE A 179 4.25 -12.26 -12.76
CA PHE A 179 5.18 -11.72 -13.74
C PHE A 179 4.49 -10.65 -14.58
N GLU A 180 3.24 -10.92 -14.96
CA GLU A 180 2.52 -9.97 -15.79
C GLU A 180 2.27 -8.66 -15.04
N ILE A 181 1.90 -8.77 -13.76
CA ILE A 181 1.69 -7.59 -12.94
C ILE A 181 2.98 -6.81 -12.76
N LEU A 182 4.05 -7.52 -12.40
CA LEU A 182 5.33 -6.87 -12.16
C LEU A 182 5.87 -6.18 -13.40
N ARG A 183 5.78 -6.84 -14.55
CA ARG A 183 6.26 -6.23 -15.79
C ARG A 183 5.41 -5.02 -16.18
N ALA A 184 4.11 -5.10 -15.95
CA ALA A 184 3.23 -3.98 -16.27
C ALA A 184 3.55 -2.79 -15.37
N LEU A 185 3.78 -3.03 -14.08
CA LEU A 185 4.18 -1.94 -13.19
C LEU A 185 5.49 -1.29 -13.62
N ALA A 186 6.48 -2.11 -13.96
CA ALA A 186 7.78 -1.60 -14.41
C ALA A 186 7.63 -0.80 -15.69
N SER A 187 6.80 -1.31 -16.61
N SER A 187 6.81 -1.29 -16.62
CA SER A 187 6.61 -0.67 -17.90
CA SER A 187 6.66 -0.63 -17.91
C SER A 187 5.99 0.71 -17.77
C SER A 187 5.96 0.72 -17.80
N LYS A 188 5.14 0.88 -16.76
CA LYS A 188 4.46 2.15 -16.52
C LYS A 188 5.15 3.01 -15.45
N GLU A 189 6.35 2.59 -15.05
CA GLU A 189 7.17 3.31 -14.07
C GLU A 189 6.44 3.52 -12.75
N LYS A 190 5.69 2.50 -12.33
CA LYS A 190 5.02 2.53 -11.04
C LYS A 190 5.90 1.88 -9.99
N ALA A 191 5.68 2.25 -8.74
CA ALA A 191 6.37 1.64 -7.62
C ALA A 191 5.65 0.37 -7.16
N LEU A 192 6.41 -0.54 -6.58
CA LEU A 192 5.87 -1.72 -5.92
C LEU A 192 5.91 -1.44 -4.43
N GLU A 193 4.79 -1.57 -3.73
CA GLU A 193 4.82 -1.42 -2.27
C GLU A 193 5.28 -2.68 -1.56
N ILE A 194 6.25 -2.54 -0.65
CA ILE A 194 6.56 -3.60 0.30
C ILE A 194 5.80 -3.27 1.59
N ASN A 195 4.75 -4.05 1.85
CA ASN A 195 3.83 -3.82 2.95
C ASN A 195 4.16 -4.79 4.07
N THR A 196 4.44 -4.28 5.26
CA THR A 196 4.96 -5.15 6.32
C THR A 196 3.92 -5.73 7.25
N ARG A 197 2.64 -5.56 6.93
CA ARG A 197 1.55 -6.07 7.79
C ARG A 197 1.75 -7.51 8.26
N LEU A 198 2.09 -8.40 7.32
CA LEU A 198 2.23 -9.82 7.62
C LEU A 198 3.69 -10.29 7.73
N PHE A 199 4.63 -9.38 7.92
CA PHE A 199 6.06 -9.75 7.91
C PHE A 199 6.52 -10.58 9.13
N ASP A 200 5.66 -10.75 10.13
CA ASP A 200 5.93 -11.67 11.24
C ASP A 200 6.05 -13.12 10.78
N ASP A 201 5.51 -13.39 9.59
CA ASP A 201 5.44 -14.73 9.03
C ASP A 201 6.54 -14.86 7.99
N PRO A 202 7.40 -15.87 8.15
CA PRO A 202 8.52 -16.07 7.23
C PRO A 202 8.06 -16.28 5.79
N LYS A 203 6.85 -16.82 5.60
CA LYS A 203 6.35 -17.02 4.24
C LYS A 203 6.03 -15.69 3.56
N THR A 204 5.70 -14.68 4.36
CA THR A 204 5.47 -13.35 3.81
C THR A 204 6.79 -12.77 3.33
N GLU A 205 7.83 -12.92 4.15
CA GLU A 205 9.17 -12.48 3.75
C GLU A 205 9.59 -13.12 2.44
N GLN A 206 9.37 -14.43 2.32
CA GLN A 206 9.74 -15.14 1.11
C GLN A 206 8.97 -14.60 -0.10
N PHE A 207 7.68 -14.37 0.08
CA PHE A 207 6.84 -13.87 -0.99
C PHE A 207 7.35 -12.52 -1.46
N TYR A 208 7.59 -11.59 -0.54
CA TYR A 208 8.06 -10.27 -0.94
C TYR A 208 9.47 -10.28 -1.49
N SER A 209 10.32 -11.19 -1.00
CA SER A 209 11.65 -11.34 -1.58
C SER A 209 11.53 -11.75 -3.05
N ASP A 210 10.66 -12.73 -3.31
CA ASP A 210 10.42 -13.17 -4.68
C ASP A 210 9.84 -12.05 -5.54
N LEU A 211 8.91 -11.26 -4.98
CA LEU A 211 8.40 -10.10 -5.72
C LEU A 211 9.50 -9.12 -6.07
N LEU A 212 10.36 -8.82 -5.09
CA LEU A 212 11.42 -7.82 -5.29
C LEU A 212 12.42 -8.25 -6.36
N ILE A 213 12.90 -9.48 -6.25
CA ILE A 213 13.91 -10.00 -7.18
C ILE A 213 13.37 -10.05 -8.60
N ASN A 214 12.13 -10.48 -8.74
CA ASN A 214 11.54 -10.55 -10.07
C ASN A 214 11.12 -9.19 -10.61
N PHE A 215 10.74 -8.26 -9.72
CA PHE A 215 10.47 -6.89 -10.16
C PHE A 215 11.74 -6.29 -10.75
N LYS A 216 12.88 -6.50 -10.09
CA LYS A 216 14.17 -6.01 -10.59
C LYS A 216 14.46 -6.63 -11.96
N ARG A 217 14.25 -7.93 -12.08
CA ARG A 217 14.48 -8.65 -13.33
C ARG A 217 13.64 -8.07 -14.46
N LEU A 218 12.44 -7.62 -14.13
CA LEU A 218 11.50 -7.14 -15.13
C LEU A 218 11.47 -5.62 -15.33
N GLY A 219 12.48 -4.93 -14.82
CA GLY A 219 12.64 -3.53 -15.14
C GLY A 219 12.14 -2.57 -14.06
N GLY A 220 11.75 -3.14 -12.92
CA GLY A 220 11.28 -2.30 -11.84
C GLY A 220 12.37 -1.41 -11.27
N LYS A 221 11.98 -0.21 -10.87
CA LYS A 221 12.94 0.78 -10.34
C LYS A 221 12.53 1.34 -8.98
N PHE A 222 11.23 1.54 -8.80
CA PHE A 222 10.74 2.27 -7.64
C PHE A 222 10.09 1.35 -6.62
N ILE A 223 10.50 1.50 -5.36
CA ILE A 223 10.00 0.69 -4.26
C ILE A 223 9.48 1.64 -3.18
N THR A 224 8.26 1.40 -2.68
CA THR A 224 7.84 2.10 -1.46
C THR A 224 7.72 1.12 -0.32
N LEU A 225 7.79 1.64 0.91
CA LEU A 225 7.84 0.80 2.09
C LEU A 225 6.83 1.35 3.09
N GLY A 226 5.97 0.47 3.60
CA GLY A 226 5.00 0.93 4.58
C GLY A 226 4.53 -0.14 5.54
N THR A 227 4.08 0.29 6.72
CA THR A 227 3.62 -0.62 7.77
C THR A 227 2.15 -1.00 7.65
N ASP A 228 1.36 -0.11 7.03
CA ASP A 228 -0.09 -0.22 7.01
C ASP A 228 -0.66 -0.20 8.44
N SER A 229 0.06 0.41 9.37
N SER A 229 0.06 0.44 9.35
CA SER A 229 -0.44 0.43 10.74
CA SER A 229 -0.42 0.49 10.74
C SER A 229 -1.59 1.42 10.89
C SER A 229 -1.61 1.43 10.88
N HIS A 230 -2.64 0.99 11.59
CA HIS A 230 -3.81 1.81 11.84
C HIS A 230 -3.74 2.39 13.26
N ILE A 231 -2.66 2.05 13.96
CA ILE A 231 -2.34 2.64 15.26
C ILE A 231 -0.89 3.12 15.25
N ALA A 232 -0.51 3.91 16.26
CA ALA A 232 0.80 4.54 16.24
C ALA A 232 1.90 3.52 16.51
N LYS A 233 1.60 2.53 17.35
CA LYS A 233 2.57 1.50 17.69
C LYS A 233 2.97 0.67 16.46
N ARG A 234 4.27 0.50 16.26
CA ARG A 234 4.75 -0.20 15.08
C ARG A 234 5.66 -1.39 15.37
N ASP A 235 5.60 -2.37 14.46
CA ASP A 235 6.47 -3.54 14.52
C ASP A 235 7.73 -3.21 13.74
N TRP A 236 8.71 -2.62 14.42
CA TRP A 236 9.92 -2.17 13.74
C TRP A 236 10.76 -3.32 13.21
N LEU A 237 10.73 -4.47 13.89
CA LEU A 237 11.46 -5.64 13.42
C LEU A 237 11.00 -6.03 12.01
N SER A 238 9.70 -5.92 11.77
CA SER A 238 9.16 -6.25 10.45
C SER A 238 9.62 -5.28 9.40
N ILE A 239 9.63 -4.00 9.74
CA ILE A 239 10.19 -2.97 8.87
C ILE A 239 11.66 -3.26 8.57
N HIS A 240 12.43 -3.62 9.59
CA HIS A 240 13.86 -3.91 9.37
C HIS A 240 14.07 -5.12 8.48
N LYS A 241 13.27 -6.15 8.68
CA LYS A 241 13.29 -7.32 7.80
C LYS A 241 13.03 -6.94 6.34
N ALA A 242 12.04 -6.08 6.12
CA ALA A 242 11.72 -5.65 4.75
C ALA A 242 12.86 -4.84 4.13
N ARG A 243 13.44 -3.93 4.90
CA ARG A 243 14.57 -3.13 4.41
C ARG A 243 15.73 -4.03 3.98
N THR A 244 15.98 -5.09 4.74
CA THR A 244 17.04 -6.02 4.37
C THR A 244 16.75 -6.71 3.03
N LEU A 245 15.50 -7.14 2.85
CA LEU A 245 15.10 -7.79 1.61
C LEU A 245 15.23 -6.86 0.42
N ILE A 246 14.87 -5.60 0.62
CA ILE A 246 14.92 -4.60 -0.46
C ILE A 246 16.36 -4.40 -0.93
N LYS A 247 17.28 -4.26 0.03
CA LYS A 247 18.69 -4.10 -0.31
C LYS A 247 19.28 -5.36 -0.95
N LYS A 248 18.92 -6.52 -0.42
CA LYS A 248 19.41 -7.79 -0.98
C LYS A 248 18.94 -8.04 -2.41
N ALA A 249 17.77 -7.52 -2.75
CA ALA A 249 17.24 -7.64 -4.12
C ALA A 249 17.91 -6.68 -5.09
N GLY A 250 18.73 -5.77 -4.58
CA GLY A 250 19.49 -4.89 -5.45
C GLY A 250 18.95 -3.49 -5.59
N PHE A 251 17.99 -3.13 -4.74
CA PHE A 251 17.51 -1.75 -4.72
C PHE A 251 18.29 -0.99 -3.65
N HIS A 252 18.81 0.17 -4.01
CA HIS A 252 19.62 0.95 -3.08
C HIS A 252 18.97 2.27 -2.70
N GLU A 253 17.74 2.47 -3.17
CA GLU A 253 16.98 3.67 -2.81
C GLU A 253 15.50 3.32 -2.73
N LEU A 254 14.79 4.00 -1.84
CA LEU A 254 13.34 3.95 -1.77
C LEU A 254 12.78 5.15 -2.51
N ALA A 255 11.61 4.97 -3.13
CA ALA A 255 10.96 6.05 -3.84
C ALA A 255 10.18 6.95 -2.88
N THR A 256 10.38 8.26 -2.98
CA THR A 256 9.55 9.20 -2.24
C THR A 256 8.92 10.14 -3.24
N PHE A 257 7.80 10.75 -2.86
CA PHE A 257 7.01 11.51 -3.83
C PHE A 257 6.57 12.86 -3.25
N SER A 258 6.46 13.85 -4.12
CA SER A 258 5.94 15.16 -3.74
C SER A 258 5.00 15.58 -4.83
N GLY A 259 3.75 15.88 -4.49
CA GLY A 259 2.75 16.22 -5.49
C GLY A 259 2.62 15.15 -6.57
N MET A 260 2.76 13.90 -6.15
CA MET A 260 2.67 12.71 -7.03
C MET A 260 3.82 12.56 -8.03
N LYS A 261 4.85 13.37 -7.86
CA LYS A 261 6.05 13.24 -8.69
C LYS A 261 7.18 12.63 -7.87
N ILE A 262 7.98 11.79 -8.50
CA ILE A 262 9.10 11.15 -7.81
C ILE A 262 10.14 12.21 -7.41
N ASP A 263 10.61 12.12 -6.17
CA ASP A 263 11.67 13.00 -5.71
C ASP A 263 12.98 12.55 -6.33
N LYS A 264 13.63 13.45 -7.06
CA LYS A 264 14.91 13.15 -7.69
C LYS A 264 15.98 14.10 -7.18
#